data_7V11
#
_entry.id   7V11
#
_cell.length_a   59.615
_cell.length_b   59.614
_cell.length_c   66.857
_cell.angle_alpha   90.000
_cell.angle_beta   90.000
_cell.angle_gamma   90.000
#
_symmetry.space_group_name_H-M   'P 21 21 21'
#
loop_
_entity.id
_entity.type
_entity.pdbx_description
1 polymer 'Coagulation factor XIa light chain'
2 non-polymer 5-[1-[(1~{R})-1-[5-[3-chloranyl-2-fluoranyl-6-(1,2,3,4-tetrazol-1-yl)phenyl]-1-oxidanyl-pyridin-2-yl]-2-cyclopropyl-ethyl]pyrazol-4-yl]-6-methyl-pyridin-2-amine
3 non-polymer 'CITRIC ACID'
4 water water
#
_entity_poly.entity_id   1
_entity_poly.type   'polypeptide(L)'
_entity_poly.pdbx_seq_one_letter_code
;IVGGTASVRGEWPWQVTLHTTSPTQRHLCGGSIIGNQWILTAAHCFYGVESPKILRVYSGILNQSEIKEDTSFFGVQEII
IHDQYKMAESGYDIALLKLETTVNYTDSQRPISLPSKGDRNVIYTDCWVTGWGYRKLRDKIQNTLQKAKIPLVTNEECQK
RYRGHKITHKMICAGYREGGKDACKGDSGGPLSCKHNEVWHLVGITSWGEGCAQRERPGVYTNVVEYVDWILEKTQAV
;
_entity_poly.pdbx_strand_id   A
#
loop_
_chem_comp.id
_chem_comp.type
_chem_comp.name
_chem_comp.formula
CIT non-polymer 'CITRIC ACID' 'C6 H8 O7'
OQO non-polymer 5-[1-[(1~{R})-1-[5-[3-chloranyl-2-fluoranyl-6-(1,2,3,4-tetrazol-1-yl)phenyl]-1-oxidanyl-pyridin-2-yl]-2-cyclopropyl-ethyl]pyrazol-4-yl]-6-methyl-pyridin-2-amine 'C26 H23 Cl F N9 O'
#
# COMPACT_ATOMS: atom_id res chain seq x y z
N ILE A 1 -5.84 2.71 -9.51
CA ILE A 1 -6.75 1.52 -9.46
C ILE A 1 -7.54 1.36 -10.76
N VAL A 2 -7.45 0.18 -11.42
CA VAL A 2 -8.21 -0.14 -12.64
C VAL A 2 -9.52 -0.78 -12.23
N GLY A 3 -10.63 -0.32 -12.83
CA GLY A 3 -11.89 -0.99 -12.59
C GLY A 3 -12.50 -0.69 -11.25
N GLY A 4 -12.08 0.41 -10.62
CA GLY A 4 -12.51 0.77 -9.28
C GLY A 4 -13.60 1.83 -9.30
N THR A 5 -13.98 2.25 -8.08
CA THR A 5 -14.96 3.31 -7.87
C THR A 5 -14.47 4.26 -6.77
N ALA A 6 -15.09 5.44 -6.69
CA ALA A 6 -14.65 6.47 -5.74
C ALA A 6 -15.04 6.10 -4.31
N SER A 7 -14.16 6.44 -3.37
CA SER A 7 -14.45 6.31 -1.93
C SER A 7 -15.13 7.57 -1.41
N VAL A 8 -15.64 7.50 -0.17
CA VAL A 8 -16.23 8.67 0.50
C VAL A 8 -15.37 9.01 1.72
N ARG A 9 -15.61 10.22 2.27
CA ARG A 9 -14.78 10.71 3.38
C ARG A 9 -14.89 9.78 4.59
N GLY A 10 -13.75 9.48 5.20
CA GLY A 10 -13.68 8.61 6.36
C GLY A 10 -13.67 7.13 6.08
N GLU A 11 -13.75 6.70 4.81
CA GLU A 11 -13.98 5.29 4.51
C GLU A 11 -12.75 4.39 4.74
N TRP A 12 -11.55 4.91 4.50
CA TRP A 12 -10.28 4.18 4.60
C TRP A 12 -9.31 5.02 5.46
N PRO A 13 -9.56 5.12 6.79
CA PRO A 13 -8.88 6.16 7.59
C PRO A 13 -7.43 5.84 7.91
N TRP A 14 -6.94 4.64 7.60
CA TRP A 14 -5.51 4.35 7.71
C TRP A 14 -4.73 4.69 6.44
N GLN A 15 -5.39 5.02 5.33
CA GLN A 15 -4.70 5.29 4.08
C GLN A 15 -4.12 6.72 4.16
N VAL A 16 -2.84 6.85 3.87
CA VAL A 16 -2.19 8.14 3.69
C VAL A 16 -1.73 8.30 2.26
N THR A 17 -1.45 9.56 1.92
CA THR A 17 -0.75 9.89 0.69
C THR A 17 0.61 10.47 1.09
N LEU A 18 1.65 9.81 0.62
CA LEU A 18 3.03 10.27 0.85
C LEU A 18 3.40 11.15 -0.32
N HIS A 19 3.76 12.41 -0.05
CA HIS A 19 4.21 13.32 -1.09
C HIS A 19 5.70 13.49 -1.03
N THR A 20 6.31 13.66 -2.20
CA THR A 20 7.65 14.20 -2.30
C THR A 20 7.52 15.67 -2.64
N THR A 21 8.56 16.44 -2.31
CA THR A 21 8.56 17.88 -2.63
C THR A 21 9.79 18.25 -3.40
N SER A 22 10.42 17.28 -4.06
CA SER A 22 11.59 17.54 -4.91
C SER A 22 11.53 16.81 -6.28
N PRO A 23 11.64 17.56 -7.37
CA PRO A 23 11.76 19.01 -7.49
C PRO A 23 10.49 19.81 -7.29
N THR A 24 9.34 19.16 -7.30
CA THR A 24 8.09 19.82 -7.05
C THR A 24 7.21 18.89 -6.22
N GLN A 25 6.16 19.42 -5.61
CA GLN A 25 5.30 18.58 -4.75
C GLN A 25 4.31 17.72 -5.57
N ARG A 26 4.34 16.41 -5.30
CA ARG A 26 3.41 15.49 -5.96
C ARG A 26 3.24 14.27 -5.09
N HIS A 27 2.09 13.60 -5.26
CA HIS A 27 1.91 12.28 -4.67
C HIS A 27 2.94 11.32 -5.22
N LEU A 28 3.54 10.60 -4.29
CA LEU A 28 4.56 9.61 -4.60
C LEU A 28 4.06 8.19 -4.45
N CYS A 29 3.44 7.90 -3.30
CA CYS A 29 3.04 6.52 -3.02
C CYS A 29 1.92 6.57 -1.99
N GLY A 30 1.25 5.44 -1.86
CA GLY A 30 0.37 5.22 -0.72
C GLY A 30 1.12 4.72 0.50
N GLY A 31 0.41 4.67 1.61
CA GLY A 31 0.95 4.10 2.88
C GLY A 31 -0.20 3.83 3.82
N SER A 32 0.12 3.19 4.95
CA SER A 32 -0.89 2.85 5.98
C SER A 32 -0.42 3.25 7.37
N ILE A 33 -1.33 3.87 8.16
CA ILE A 33 -1.04 4.16 9.57
C ILE A 33 -1.09 2.85 10.36
N ILE A 34 0.01 2.52 11.04
CA ILE A 34 0.03 1.36 11.95
C ILE A 34 0.36 1.74 13.39
N GLY A 35 0.68 3.01 13.71
CA GLY A 35 0.90 3.48 15.09
C GLY A 35 0.84 4.99 15.08
N ASN A 36 0.81 5.61 16.28
CA ASN A 36 0.67 7.07 16.32
C ASN A 36 1.88 7.75 15.70
N GLN A 37 3.02 7.06 15.62
CA GLN A 37 4.23 7.63 15.01
C GLN A 37 4.73 6.82 13.81
N TRP A 38 3.92 5.89 13.25
CA TRP A 38 4.45 4.92 12.26
C TRP A 38 3.56 4.67 11.05
N ILE A 39 4.14 4.81 9.83
CA ILE A 39 3.49 4.45 8.56
C ILE A 39 4.21 3.26 7.92
N LEU A 40 3.45 2.28 7.38
CA LEU A 40 4.02 1.15 6.63
C LEU A 40 3.79 1.37 5.14
N THR A 41 4.86 1.23 4.33
CA THR A 41 4.75 1.49 2.88
C THR A 41 5.71 0.55 2.13
N ALA A 42 5.94 0.83 0.83
CA ALA A 42 6.84 0.01 0.01
C ALA A 42 8.25 0.62 -0.07
N ALA A 43 9.31 -0.22 0.00
CA ALA A 43 10.67 0.31 -0.17
C ALA A 43 10.95 0.89 -1.54
N HIS A 44 10.31 0.36 -2.63
CA HIS A 44 10.58 0.84 -3.99
C HIS A 44 10.20 2.30 -4.13
N CYS A 45 9.28 2.78 -3.26
CA CYS A 45 8.90 4.20 -3.33
C CYS A 45 10.07 5.13 -3.15
N PHE A 46 11.13 4.71 -2.52
CA PHE A 46 12.23 5.62 -2.14
C PHE A 46 13.39 5.61 -3.13
N TYR A 47 13.20 4.98 -4.30
CA TYR A 47 14.22 4.92 -5.34
C TYR A 47 14.78 6.28 -5.63
N GLY A 48 13.94 7.26 -5.81
CA GLY A 48 14.68 8.48 -6.14
C GLY A 48 14.78 9.51 -5.03
N VAL A 49 14.62 9.10 -3.77
CA VAL A 49 14.45 10.04 -2.64
C VAL A 49 15.78 10.31 -1.95
N GLU A 50 16.26 11.57 -1.97
CA GLU A 50 17.61 11.88 -1.45
C GLU A 50 17.68 11.77 0.08
N SER A 51 16.61 12.09 0.78
CA SER A 51 16.58 11.96 2.25
C SER A 51 15.16 12.17 2.76
N PRO A 52 14.89 11.94 4.04
CA PRO A 52 13.51 12.14 4.55
C PRO A 52 13.11 13.61 4.62
N LYS A 53 14.06 14.54 4.46
CA LYS A 53 13.76 15.99 4.57
C LYS A 53 12.71 16.42 3.56
N ILE A 54 12.62 15.75 2.40
CA ILE A 54 11.73 16.20 1.33
C ILE A 54 10.34 15.57 1.37
N LEU A 55 10.09 14.67 2.33
CA LEU A 55 8.82 13.97 2.39
C LEU A 55 7.79 14.71 3.23
N ARG A 56 6.52 14.53 2.86
CA ARG A 56 5.40 15.00 3.70
C ARG A 56 4.38 13.89 3.76
N VAL A 57 3.92 13.54 4.96
CA VAL A 57 2.84 12.54 5.09
C VAL A 57 1.54 13.28 5.35
N TYR A 58 0.53 13.08 4.50
CA TYR A 58 -0.80 13.65 4.74
C TYR A 58 -1.75 12.51 5.07
N SER A 59 -2.49 12.72 6.15
CA SER A 59 -3.53 11.78 6.55
C SER A 59 -4.86 12.52 6.58
N GLY A 60 -5.92 11.74 6.64
CA GLY A 60 -7.26 12.32 6.61
C GLY A 60 -7.67 12.95 5.29
N ILE A 61 -7.10 12.55 4.16
CA ILE A 61 -7.32 13.18 2.86
C ILE A 61 -8.19 12.25 2.01
N LEU A 62 -9.27 12.80 1.43
CA LEU A 62 -10.05 12.08 0.41
C LEU A 62 -9.61 12.48 -0.98
N ASN A 63 -9.59 13.77 -1.23
CA ASN A 63 -9.27 14.28 -2.56
C ASN A 63 -7.88 14.92 -2.50
N GLN A 64 -7.02 14.59 -3.47
CA GLN A 64 -5.75 15.28 -3.58
C GLN A 64 -5.90 16.82 -3.59
N SER A 65 -6.95 17.34 -4.26
CA SER A 65 -7.22 18.78 -4.30
C SER A 65 -7.40 19.44 -2.93
N GLU A 66 -7.60 18.67 -1.84
CA GLU A 66 -7.70 19.26 -0.50
C GLU A 66 -6.36 19.79 0.01
N ILE A 67 -5.24 19.34 -0.55
CA ILE A 67 -3.93 19.66 0.00
C ILE A 67 -3.50 21.02 -0.58
N LYS A 68 -3.29 22.01 0.30
CA LYS A 68 -2.90 23.38 -0.03
C LYS A 68 -1.72 23.76 0.87
N GLU A 69 -1.21 25.00 0.74
CA GLU A 69 0.06 25.28 1.40
C GLU A 69 -0.06 25.40 2.91
N ASP A 70 -1.27 25.55 3.43
CA ASP A 70 -1.49 25.59 4.86
C ASP A 70 -2.05 24.26 5.41
N THR A 71 -2.18 23.22 4.58
CA THR A 71 -2.68 21.95 5.11
C THR A 71 -1.61 21.33 6.00
N SER A 72 -1.99 20.90 7.19
N SER A 72 -1.98 20.92 7.21
CA SER A 72 -1.03 20.28 8.10
CA SER A 72 -1.00 20.30 8.08
C SER A 72 -0.57 18.91 7.57
C SER A 72 -0.57 18.91 7.56
N PHE A 73 0.69 18.59 7.82
CA PHE A 73 1.27 17.31 7.44
C PHE A 73 2.24 16.92 8.54
N PHE A 74 2.68 15.68 8.48
CA PHE A 74 3.70 15.18 9.41
C PHE A 74 5.03 15.07 8.71
N GLY A 75 6.08 15.58 9.38
CA GLY A 75 7.41 15.29 8.87
C GLY A 75 7.86 13.89 9.20
N VAL A 76 8.84 13.42 8.44
CA VAL A 76 9.39 12.06 8.58
C VAL A 76 10.76 12.19 9.27
N GLN A 77 10.88 11.52 10.44
CA GLN A 77 12.11 11.52 11.17
C GLN A 77 13.09 10.47 10.63
N GLU A 78 12.61 9.34 10.10
CA GLU A 78 13.47 8.26 9.61
C GLU A 78 12.71 7.42 8.58
N ILE A 79 13.41 6.94 7.53
CA ILE A 79 12.87 5.90 6.60
C ILE A 79 13.67 4.63 6.93
N ILE A 80 12.95 3.56 7.29
CA ILE A 80 13.58 2.28 7.62
C ILE A 80 13.25 1.30 6.49
N ILE A 81 14.21 1.01 5.58
CA ILE A 81 13.95 0.09 4.47
C ILE A 81 14.49 -1.27 4.87
N HIS A 82 13.82 -2.36 4.49
CA HIS A 82 14.35 -3.68 4.83
C HIS A 82 15.78 -3.86 4.28
N ASP A 83 16.69 -4.40 5.11
CA ASP A 83 18.08 -4.55 4.66
C ASP A 83 18.30 -5.53 3.51
N GLN A 84 17.33 -6.35 3.13
CA GLN A 84 17.55 -7.25 2.00
C GLN A 84 16.87 -6.78 0.73
N TYR A 85 16.20 -5.63 0.76
CA TYR A 85 15.53 -5.12 -0.44
C TYR A 85 16.53 -4.76 -1.55
N LYS A 86 16.23 -5.23 -2.77
CA LYS A 86 17.00 -4.96 -4.00
C LYS A 86 16.09 -4.38 -5.09
N MET A 87 14.95 -5.02 -5.39
CA MET A 87 14.00 -4.57 -6.40
C MET A 87 12.63 -5.19 -6.11
N ALA A 88 11.56 -4.48 -6.51
CA ALA A 88 10.22 -4.91 -6.11
C ALA A 88 9.95 -6.35 -6.50
N GLU A 89 10.34 -6.74 -7.74
CA GLU A 89 9.93 -8.05 -8.22
C GLU A 89 10.68 -9.20 -7.57
N SER A 90 11.76 -8.93 -6.86
CA SER A 90 12.46 -9.97 -6.13
C SER A 90 12.19 -9.91 -4.62
N GLY A 91 11.26 -9.08 -4.18
CA GLY A 91 10.73 -9.19 -2.83
C GLY A 91 11.37 -8.19 -1.83
N TYR A 92 11.00 -8.38 -0.55
CA TYR A 92 11.47 -7.47 0.54
C TYR A 92 11.01 -6.02 0.37
N ASP A 93 9.88 -5.84 -0.36
CA ASP A 93 9.46 -4.50 -0.73
C ASP A 93 8.64 -3.92 0.42
N ILE A 94 9.35 -3.43 1.45
CA ILE A 94 8.69 -2.96 2.70
C ILE A 94 9.57 -1.90 3.38
N ALA A 95 8.91 -0.85 3.92
CA ALA A 95 9.60 0.25 4.62
C ALA A 95 8.69 0.83 5.70
N LEU A 96 9.29 1.25 6.82
CA LEU A 96 8.59 2.03 7.84
C LEU A 96 9.00 3.49 7.76
N LEU A 97 8.02 4.38 7.94
CA LEU A 97 8.30 5.80 8.19
C LEU A 97 8.03 6.13 9.66
N LYS A 98 9.05 6.64 10.38
CA LYS A 98 8.85 7.14 11.73
C LYS A 98 8.56 8.63 11.65
N LEU A 99 7.42 9.03 12.17
CA LEU A 99 7.02 10.45 12.10
C LEU A 99 7.70 11.27 13.19
N GLU A 100 7.71 12.60 12.99
CA GLU A 100 8.44 13.44 13.94
C GLU A 100 7.75 13.52 15.29
N THR A 101 6.42 13.34 15.30
CA THR A 101 5.58 13.41 16.48
C THR A 101 4.43 12.39 16.34
N THR A 102 3.62 12.24 17.41
CA THR A 102 2.51 11.24 17.42
C THR A 102 1.20 11.77 16.82
N VAL A 103 0.63 11.06 15.85
CA VAL A 103 -0.74 11.32 15.36
C VAL A 103 -1.63 11.14 16.58
N ASN A 104 -2.37 12.17 17.04
CA ASN A 104 -3.58 11.81 17.83
C ASN A 104 -4.59 11.23 16.86
N TYR A 105 -5.13 10.04 17.15
CA TYR A 105 -6.08 9.49 16.22
C TYR A 105 -7.42 10.25 16.29
N THR A 106 -8.07 10.33 15.12
CA THR A 106 -9.41 10.92 15.02
C THR A 106 -10.24 10.06 14.06
N ASP A 107 -11.49 10.49 13.82
CA ASP A 107 -12.37 9.74 12.90
C ASP A 107 -11.76 9.59 11.50
N SER A 108 -10.94 10.54 11.08
CA SER A 108 -10.37 10.50 9.73
C SER A 108 -8.98 9.89 9.68
N GLN A 109 -8.33 9.63 10.84
CA GLN A 109 -6.94 9.16 10.82
C GLN A 109 -6.87 8.12 11.94
N ARG A 110 -6.82 6.84 11.54
CA ARG A 110 -6.96 5.72 12.44
C ARG A 110 -5.96 4.66 12.03
N PRO A 111 -5.54 3.83 12.97
CA PRO A 111 -4.61 2.72 12.64
C PRO A 111 -5.36 1.51 12.06
N ILE A 112 -4.63 0.75 11.22
CA ILE A 112 -5.07 -0.62 10.83
C ILE A 112 -4.19 -1.63 11.56
N SER A 113 -4.82 -2.67 12.06
N SER A 113 -4.82 -2.67 12.07
CA SER A 113 -4.11 -3.77 12.72
CA SER A 113 -4.12 -3.75 12.75
C SER A 113 -3.23 -4.54 11.76
C SER A 113 -3.24 -4.55 11.78
N LEU A 114 -2.11 -5.05 12.29
CA LEU A 114 -1.32 -6.02 11.49
C LEU A 114 -2.04 -7.36 11.52
N PRO A 115 -1.71 -8.30 10.62
CA PRO A 115 -2.34 -9.63 10.72
C PRO A 115 -1.94 -10.25 12.03
N SER A 116 -2.92 -10.89 12.71
CA SER A 116 -2.84 -11.14 14.13
C SER A 116 -2.20 -12.49 14.35
N LYS A 117 -1.45 -12.59 15.43
CA LYS A 117 -0.93 -13.88 15.87
C LYS A 117 -2.09 -14.84 16.12
N GLY A 118 -2.01 -16.02 15.48
CA GLY A 118 -3.07 -17.00 15.49
C GLY A 118 -3.85 -17.09 14.20
N ASP A 119 -3.62 -16.19 13.25
CA ASP A 119 -4.43 -16.11 12.05
C ASP A 119 -3.70 -16.56 10.80
N ARG A 120 -2.59 -17.30 10.94
CA ARG A 120 -1.74 -17.56 9.77
C ARG A 120 -2.48 -18.32 8.67
N ASN A 121 -3.44 -19.18 9.04
CA ASN A 121 -4.25 -19.98 8.11
C ASN A 121 -5.71 -19.51 8.02
N VAL A 122 -5.94 -18.20 8.05
CA VAL A 122 -7.22 -17.60 7.69
C VAL A 122 -7.25 -17.46 6.17
N ILE A 123 -8.41 -17.74 5.58
CA ILE A 123 -8.63 -17.55 4.15
C ILE A 123 -9.39 -16.24 4.00
N TYR A 124 -8.72 -15.20 3.50
CA TYR A 124 -9.35 -13.88 3.42
C TYR A 124 -10.15 -13.80 2.11
N THR A 125 -11.43 -13.50 2.24
CA THR A 125 -12.34 -13.40 1.09
C THR A 125 -12.91 -12.00 0.88
N ASP A 126 -12.52 -11.00 1.69
CA ASP A 126 -13.06 -9.66 1.57
C ASP A 126 -11.88 -8.69 1.59
N CYS A 127 -11.16 -8.64 0.45
CA CYS A 127 -9.95 -7.83 0.31
C CYS A 127 -10.08 -6.76 -0.73
N TRP A 128 -9.53 -5.60 -0.38
CA TRP A 128 -9.69 -4.39 -1.18
C TRP A 128 -8.35 -3.72 -1.36
N VAL A 129 -8.14 -3.20 -2.55
CA VAL A 129 -6.99 -2.38 -2.87
C VAL A 129 -7.45 -0.96 -3.10
N THR A 130 -6.71 0.01 -2.54
CA THR A 130 -7.12 1.43 -2.58
C THR A 130 -5.96 2.33 -2.99
N GLY A 131 -6.30 3.45 -3.58
CA GLY A 131 -5.22 4.37 -3.95
C GLY A 131 -5.66 5.44 -4.92
N TRP A 132 -4.74 6.37 -5.15
CA TRP A 132 -4.93 7.43 -6.13
C TRP A 132 -4.26 7.17 -7.47
N GLY A 133 -3.87 5.92 -7.75
CA GLY A 133 -3.12 5.65 -8.97
C GLY A 133 -3.97 5.67 -10.27
N TYR A 134 -3.24 5.39 -11.37
CA TYR A 134 -3.81 5.36 -12.73
C TYR A 134 -4.96 4.36 -12.85
N ARG A 135 -5.89 4.66 -13.76
CA ARG A 135 -6.99 3.75 -14.10
C ARG A 135 -6.66 2.84 -15.28
N LYS A 136 -5.48 2.99 -15.90
CA LYS A 136 -4.99 2.15 -16.99
C LYS A 136 -3.52 2.51 -17.17
N LEU A 137 -2.81 1.70 -17.95
CA LEU A 137 -1.35 1.78 -17.98
C LEU A 137 -0.85 3.21 -18.27
N ARG A 138 -1.45 3.93 -19.24
CA ARG A 138 -1.10 5.32 -19.52
C ARG A 138 -2.31 6.19 -19.18
N ASP A 139 -2.26 6.86 -18.03
CA ASP A 139 -3.42 7.56 -17.48
C ASP A 139 -2.91 8.72 -16.60
N LYS A 140 -3.53 9.01 -15.45
CA LYS A 140 -3.04 10.06 -14.55
C LYS A 140 -3.49 9.72 -13.12
N ILE A 141 -2.85 10.41 -12.15
CA ILE A 141 -3.24 10.31 -10.74
C ILE A 141 -4.67 10.82 -10.59
N GLN A 142 -5.47 10.06 -9.86
CA GLN A 142 -6.86 10.41 -9.68
C GLN A 142 -7.06 11.35 -8.48
N ASN A 143 -8.09 12.20 -8.55
CA ASN A 143 -8.30 13.14 -7.44
C ASN A 143 -8.87 12.43 -6.20
N THR A 144 -9.92 11.65 -6.41
CA THR A 144 -10.64 10.97 -5.33
C THR A 144 -10.05 9.58 -5.13
N LEU A 145 -9.77 9.26 -3.87
CA LEU A 145 -9.23 7.93 -3.53
C LEU A 145 -10.19 6.86 -4.10
N GLN A 146 -9.63 5.86 -4.82
CA GLN A 146 -10.45 4.81 -5.46
C GLN A 146 -10.27 3.50 -4.70
N LYS A 147 -11.23 2.60 -4.89
CA LYS A 147 -11.25 1.29 -4.25
C LYS A 147 -11.71 0.22 -5.24
N ALA A 148 -11.19 -1.00 -5.06
CA ALA A 148 -11.68 -2.15 -5.83
C ALA A 148 -11.51 -3.39 -4.96
N LYS A 149 -12.51 -4.29 -5.03
CA LYS A 149 -12.46 -5.60 -4.39
C LYS A 149 -11.75 -6.57 -5.31
N ILE A 150 -10.75 -7.28 -4.77
CA ILE A 150 -9.97 -8.18 -5.60
CA ILE A 150 -9.96 -8.18 -5.61
C ILE A 150 -9.75 -9.51 -4.88
N PRO A 151 -9.85 -10.64 -5.56
CA PRO A 151 -9.69 -11.95 -4.90
C PRO A 151 -8.22 -12.34 -4.81
N LEU A 152 -7.85 -12.96 -3.69
CA LEU A 152 -6.49 -13.50 -3.57
C LEU A 152 -6.34 -14.75 -4.44
N VAL A 153 -5.12 -14.96 -4.92
CA VAL A 153 -4.74 -16.07 -5.79
C VAL A 153 -3.72 -16.90 -5.02
N THR A 154 -3.72 -18.22 -5.22
CA THR A 154 -2.72 -19.02 -4.54
C THR A 154 -1.34 -18.73 -5.11
N ASN A 155 -0.32 -18.95 -4.27
CA ASN A 155 1.06 -18.79 -4.75
C ASN A 155 1.35 -19.75 -5.90
N GLU A 156 0.76 -20.95 -5.92
CA GLU A 156 0.97 -21.89 -7.00
C GLU A 156 0.47 -21.35 -8.34
N GLU A 157 -0.75 -20.80 -8.36
CA GLU A 157 -1.28 -20.25 -9.59
C GLU A 157 -0.47 -19.01 -10.01
N CYS A 158 -0.16 -18.16 -9.05
CA CYS A 158 0.62 -16.95 -9.32
C CYS A 158 1.99 -17.28 -9.93
N GLN A 159 2.69 -18.28 -9.39
CA GLN A 159 3.98 -18.66 -10.00
C GLN A 159 3.84 -19.12 -11.47
N LYS A 160 2.76 -19.83 -11.81
CA LYS A 160 2.56 -20.29 -13.19
C LYS A 160 2.31 -19.12 -14.14
N ARG A 161 1.89 -17.98 -13.61
CA ARG A 161 1.65 -16.83 -14.47
C ARG A 161 2.89 -15.99 -14.61
N TYR A 162 3.88 -16.20 -13.72
CA TYR A 162 5.11 -15.41 -13.62
C TYR A 162 6.36 -16.34 -13.59
N ARG A 163 6.56 -17.13 -14.63
CA ARG A 163 7.59 -18.18 -14.61
C ARG A 163 8.97 -17.55 -14.71
N GLY A 164 9.08 -16.26 -15.00
CA GLY A 164 10.38 -15.59 -14.96
C GLY A 164 10.72 -14.93 -13.64
N HIS A 165 9.88 -15.01 -12.61
CA HIS A 165 10.15 -14.41 -11.29
C HIS A 165 10.04 -15.51 -10.24
N LYS A 166 10.64 -15.25 -9.06
CA LYS A 166 10.52 -16.16 -7.91
C LYS A 166 9.37 -15.67 -7.06
N ILE A 167 8.21 -16.34 -7.17
CA ILE A 167 7.09 -15.99 -6.29
C ILE A 167 7.30 -16.79 -4.99
N THR A 168 7.61 -16.10 -3.87
CA THR A 168 7.86 -16.79 -2.60
C THR A 168 6.74 -16.61 -1.61
N HIS A 169 6.88 -17.30 -0.46
CA HIS A 169 5.90 -17.14 0.60
C HIS A 169 5.87 -15.72 1.18
N LYS A 170 6.85 -14.87 0.90
CA LYS A 170 6.81 -13.48 1.36
C LYS A 170 6.03 -12.55 0.42
N MET A 171 5.40 -13.10 -0.62
CA MET A 171 4.53 -12.36 -1.53
C MET A 171 3.15 -12.99 -1.48
N ILE A 172 2.14 -12.16 -1.84
CA ILE A 172 0.77 -12.63 -2.02
C ILE A 172 0.23 -11.96 -3.27
N CYS A 173 -0.48 -12.74 -4.12
CA CYS A 173 -0.99 -12.25 -5.40
C CYS A 173 -2.50 -12.07 -5.31
N ALA A 174 -3.05 -11.17 -6.11
CA ALA A 174 -4.50 -10.95 -6.15
C ALA A 174 -4.93 -10.47 -7.54
N GLY A 175 -6.06 -10.95 -8.02
CA GLY A 175 -6.52 -10.57 -9.34
C GLY A 175 -7.54 -11.54 -9.91
N TYR A 176 -8.24 -11.12 -10.95
CA TYR A 176 -9.18 -11.99 -11.65
C TYR A 176 -8.55 -12.64 -12.89
N ARG A 177 -8.97 -13.87 -13.20
CA ARG A 177 -8.39 -14.54 -14.36
C ARG A 177 -8.64 -13.78 -15.66
N GLU A 178 -9.83 -13.20 -15.80
N GLU A 178 -9.82 -13.19 -15.77
CA GLU A 178 -10.12 -12.41 -16.99
CA GLU A 178 -10.20 -12.40 -16.92
C GLU A 178 -9.61 -10.97 -16.90
C GLU A 178 -9.62 -10.99 -16.90
N GLY A 179 -8.94 -10.59 -15.82
CA GLY A 179 -8.43 -9.23 -15.64
C GLY A 179 -9.53 -8.22 -15.33
N GLY A 180 -9.16 -6.93 -15.47
CA GLY A 180 -10.16 -5.86 -15.38
C GLY A 180 -10.16 -5.06 -14.08
N LYS A 181 -9.65 -5.59 -12.95
CA LYS A 181 -9.51 -4.81 -11.71
C LYS A 181 -8.13 -5.09 -11.13
N ASP A 182 -7.40 -4.05 -10.67
CA ASP A 182 -6.01 -4.27 -10.22
C ASP A 182 -5.52 -2.90 -9.75
N ALA A 183 -4.42 -2.91 -9.03
CA ALA A 183 -3.61 -1.71 -8.81
C ALA A 183 -2.94 -1.29 -10.11
N CYS A 184 -2.49 -0.02 -10.12
CA CYS A 184 -1.73 0.49 -11.25
C CYS A 184 -0.79 1.59 -10.74
N LYS A 185 -0.11 2.28 -11.68
CA LYS A 185 0.93 3.25 -11.30
C LYS A 185 0.38 4.30 -10.34
N GLY A 186 1.08 4.49 -9.20
CA GLY A 186 0.72 5.44 -8.18
C GLY A 186 -0.02 4.81 -7.01
N ASP A 187 -0.37 3.53 -7.10
CA ASP A 187 -0.97 2.84 -5.94
C ASP A 187 0.06 2.14 -5.06
N SER A 188 1.31 1.94 -5.53
CA SER A 188 2.22 1.17 -4.70
C SER A 188 2.48 1.80 -3.36
N GLY A 189 2.74 0.93 -2.39
CA GLY A 189 2.94 1.36 -1.00
C GLY A 189 1.67 1.41 -0.21
N GLY A 190 0.52 1.50 -0.88
CA GLY A 190 -0.74 1.47 -0.12
C GLY A 190 -1.11 0.06 0.30
N PRO A 191 -2.25 -0.03 0.98
CA PRO A 191 -2.70 -1.28 1.59
C PRO A 191 -3.50 -2.16 0.62
N LEU A 192 -3.32 -3.47 0.85
CA LEU A 192 -4.31 -4.50 0.50
C LEU A 192 -4.92 -4.83 1.84
N SER A 193 -6.16 -4.37 2.07
CA SER A 193 -6.82 -4.43 3.37
C SER A 193 -7.88 -5.51 3.29
N CYS A 194 -7.87 -6.42 4.25
CA CYS A 194 -8.86 -7.49 4.26
C CYS A 194 -9.61 -7.48 5.57
N LYS A 195 -10.93 -7.66 5.48
CA LYS A 195 -11.75 -7.57 6.68
C LYS A 195 -12.04 -8.99 7.13
N HIS A 196 -11.89 -9.28 8.42
CA HIS A 196 -12.17 -10.60 8.92
C HIS A 196 -12.78 -10.42 10.30
N ASN A 197 -13.98 -10.97 10.53
CA ASN A 197 -14.69 -10.77 11.80
C ASN A 197 -14.88 -9.28 12.10
N GLU A 198 -15.14 -8.49 11.04
CA GLU A 198 -15.39 -7.04 11.10
C GLU A 198 -14.23 -6.24 11.65
N VAL A 199 -13.01 -6.77 11.60
CA VAL A 199 -11.79 -6.02 11.90
C VAL A 199 -10.92 -6.01 10.65
N TRP A 200 -10.42 -4.83 10.30
CA TRP A 200 -9.53 -4.74 9.15
C TRP A 200 -8.11 -5.09 9.51
N HIS A 201 -7.47 -5.85 8.61
CA HIS A 201 -6.06 -6.21 8.77
C HIS A 201 -5.28 -5.81 7.53
N LEU A 202 -4.03 -5.38 7.75
CA LEU A 202 -3.16 -4.99 6.66
C LEU A 202 -2.46 -6.23 6.13
N VAL A 203 -3.06 -6.85 5.09
CA VAL A 203 -2.58 -8.15 4.59
C VAL A 203 -1.46 -7.98 3.59
N GLY A 204 -1.51 -6.96 2.73
CA GLY A 204 -0.53 -6.77 1.70
C GLY A 204 -0.13 -5.31 1.59
N ILE A 205 1.05 -5.12 0.98
CA ILE A 205 1.48 -3.79 0.53
C ILE A 205 1.57 -3.86 -0.99
N THR A 206 0.82 -3.00 -1.68
CA THR A 206 0.83 -2.94 -3.16
C THR A 206 2.26 -2.80 -3.70
N SER A 207 2.69 -3.71 -4.58
CA SER A 207 4.11 -3.84 -4.97
C SER A 207 4.38 -3.82 -6.49
N TRP A 208 3.88 -4.80 -7.29
CA TRP A 208 4.23 -4.84 -8.73
C TRP A 208 3.28 -5.77 -9.51
N GLY A 209 3.32 -5.73 -10.86
CA GLY A 209 2.58 -6.66 -11.73
C GLY A 209 3.01 -6.46 -13.17
N GLU A 210 2.66 -7.41 -14.09
CA GLU A 210 2.93 -7.24 -15.52
CA GLU A 210 2.94 -7.26 -15.53
C GLU A 210 1.75 -6.52 -16.16
N GLY A 211 1.95 -5.23 -16.53
CA GLY A 211 0.77 -4.46 -16.96
C GLY A 211 -0.16 -4.18 -15.76
N CYS A 212 -1.36 -3.70 -16.07
CA CYS A 212 -2.37 -3.39 -15.03
C CYS A 212 -3.65 -4.07 -15.46
N ALA A 213 -4.15 -5.00 -14.61
CA ALA A 213 -5.43 -5.65 -14.85
C ALA A 213 -5.47 -6.49 -16.13
N GLN A 214 -4.34 -7.03 -16.59
CA GLN A 214 -4.34 -7.92 -17.75
C GLN A 214 -4.82 -9.31 -17.39
N ARG A 215 -5.37 -10.02 -18.39
CA ARG A 215 -5.83 -11.39 -18.20
C ARG A 215 -4.66 -12.23 -17.70
N GLU A 216 -4.95 -13.10 -16.72
CA GLU A 216 -3.99 -14.11 -16.24
C GLU A 216 -2.68 -13.51 -15.70
N ARG A 217 -2.71 -12.26 -15.24
CA ARG A 217 -1.52 -11.60 -14.65
C ARG A 217 -1.89 -10.84 -13.37
N PRO A 218 -1.97 -11.53 -12.24
CA PRO A 218 -2.43 -10.90 -11.01
C PRO A 218 -1.43 -9.86 -10.49
N GLY A 219 -1.95 -8.89 -9.70
CA GLY A 219 -1.05 -8.00 -8.95
C GLY A 219 -0.32 -8.76 -7.87
N VAL A 220 0.89 -8.24 -7.55
CA VAL A 220 1.73 -8.87 -6.52
C VAL A 220 1.94 -7.88 -5.37
N TYR A 221 1.85 -8.40 -4.15
CA TYR A 221 1.82 -7.62 -2.90
C TYR A 221 2.82 -8.18 -1.90
N THR A 222 3.46 -7.32 -1.06
CA THR A 222 4.31 -7.84 0.03
C THR A 222 3.39 -8.46 1.06
N ASN A 223 3.69 -9.70 1.46
CA ASN A 223 2.86 -10.47 2.39
C ASN A 223 3.22 -10.02 3.83
N VAL A 224 2.42 -9.07 4.39
CA VAL A 224 2.78 -8.37 5.64
C VAL A 224 2.93 -9.33 6.82
N VAL A 225 2.12 -10.40 6.89
CA VAL A 225 2.22 -11.35 8.03
C VAL A 225 3.66 -11.90 8.20
N GLU A 226 4.39 -12.07 7.08
CA GLU A 226 5.76 -12.58 7.09
C GLU A 226 6.78 -11.55 7.54
N TYR A 227 6.35 -10.31 7.81
CA TYR A 227 7.23 -9.24 8.27
C TYR A 227 6.86 -8.70 9.65
N VAL A 228 5.93 -9.33 10.35
CA VAL A 228 5.51 -8.81 11.65
C VAL A 228 6.68 -8.72 12.64
N ASP A 229 7.55 -9.74 12.70
CA ASP A 229 8.66 -9.69 13.66
C ASP A 229 9.62 -8.54 13.32
N TRP A 230 9.83 -8.31 12.01
CA TRP A 230 10.68 -7.19 11.61
C TRP A 230 10.07 -5.86 12.02
N ILE A 231 8.76 -5.69 11.81
CA ILE A 231 8.07 -4.47 12.22
C ILE A 231 8.18 -4.23 13.72
N LEU A 232 7.92 -5.27 14.53
CA LEU A 232 7.93 -5.09 15.98
C LEU A 232 9.34 -4.75 16.47
N GLU A 233 10.37 -5.34 15.85
CA GLU A 233 11.73 -5.04 16.26
C GLU A 233 12.05 -3.59 15.95
N LYS A 234 11.65 -3.11 14.77
CA LYS A 234 12.02 -1.74 14.39
C LYS A 234 11.25 -0.72 15.20
N THR A 235 9.98 -1.01 15.54
CA THR A 235 9.15 -0.04 16.26
C THR A 235 9.38 -0.06 17.77
N GLN A 236 10.17 -1.01 18.27
CA GLN A 236 10.54 -1.07 19.68
C GLN A 236 12.04 -0.78 19.87
C21 OQO B . 3.94 -0.92 -10.23
C7 OQO B . 3.89 7.58 -8.86
C32 OQO B . 0.48 -3.65 -11.39
C31 OQO B . 0.06 -4.32 -10.25
C20 OQO B . 4.74 0.19 -9.98
C6 OQO B . 3.45 8.86 -8.57
C10 OQO B . 4.92 4.95 -11.50
C13 OQO B . 4.37 4.84 -9.36
C23 OQO B . 2.18 0.23 -9.13
C35 OQO B . 2.38 -2.53 -13.49
C22 OQO B . 2.63 -0.89 -9.79
C8 OQO B . 3.90 7.08 -10.18
C9 OQO B . 4.38 5.70 -10.41
C26 OQO B . 1.73 -2.07 -9.99
C33 OQO B . 1.30 -2.53 -11.25
C27 OQO B . 1.29 -2.76 -8.86
C29 OQO B . 0.50 -3.89 -8.97
C2 OQO B . 3.48 7.93 -11.17
C19 OQO B . 4.26 1.28 -9.29
C4 OQO B . 3.04 9.66 -9.65
C17 OQO B . 7.02 4.33 -7.01
C18 OQO B . 8.34 3.65 -7.30
C16 OQO B . 7.26 3.67 -8.36
C1 OQO B . 3.45 7.50 -12.62
C15 OQO B . 6.55 2.36 -8.68
C14 OQO B . 5.03 2.53 -8.91
N11 OQO B . 5.21 3.66 -11.13
N36 OQO B . 2.61 -1.62 -14.41
N3 OQO B . 3.04 9.20 -10.92
N37 OQO B . 2.13 -0.45 -13.88
N38 OQO B . 1.61 -0.63 -12.67
N12 OQO B . 4.87 3.67 -9.83
N34 OQO B . 1.77 -1.95 -12.43
N24 OQO B . 2.99 1.29 -8.90
N5 OQO B . 2.59 10.99 -9.40
O25 OQO B . 2.48 2.28 -8.25
F28 OQO B . 1.73 -2.32 -7.62
CL30 OQO B . 0.03 -4.68 -7.53
C1 CIT C . -15.63 -0.37 1.66
O1 CIT C . -16.17 -0.19 0.55
O2 CIT C . -15.46 0.57 2.48
C2 CIT C . -15.20 -1.77 1.99
C3 CIT C . -16.40 -2.49 2.53
O7 CIT C . -17.41 -2.39 1.51
C4 CIT C . -16.02 -3.92 2.82
C5 CIT C . -17.26 -4.69 3.12
O3 CIT C . -18.40 -4.24 2.96
O4 CIT C . -17.11 -5.81 3.57
C6 CIT C . -16.92 -1.83 3.79
O5 CIT C . -17.71 -0.86 3.66
O6 CIT C . -16.60 -2.23 4.94
#